data_3Q0C
#
_entry.id   3Q0C
#
_cell.length_a   104.462
_cell.length_b   104.462
_cell.length_c   176.691
_cell.angle_alpha   90.00
_cell.angle_beta   90.00
_cell.angle_gamma   120.00
#
_symmetry.space_group_name_H-M   'P 61 2 2'
#
loop_
_entity.id
_entity.type
_entity.pdbx_description
1 polymer 'Histone-lysine N-methyltransferase, H3 lysine-9 specific SUVH5'
2 polymer "DNA (5'-D(*AP*CP*TP*AP*(5CM)P*GP*TP*AP*GP*TP*T)-3')"
3 non-polymer 'MAGNESIUM ION'
4 water water
#
loop_
_entity_poly.entity_id
_entity_poly.type
_entity_poly.pdbx_seq_one_letter_code
_entity_poly.pdbx_strand_id
1 'polypeptide(L)'
;QIIGTVPGVEVGDEFQYRMELNLLGIHRPSQSGIDYMKDDGGELVATSIVSSGGYNDVLDNSDVLIYTGQGGNVGKKKNN
EPPKDQQLVTGNLALKNSINKKNPVRVIRGIKNTTLQSSVVAKNYVYDGLYLVEEYWEETGSHGKLVFKFKLRRIPGQPE
LPWKEVA
;
X,A
2 'polydeoxyribonucleotide' (DA)(DC)(DT)(DA)(5CM)(DG)(DT)(DA)(DG)(DT)(DT) C,B
#
# COMPACT_ATOMS: atom_id res chain seq x y z
N GLN A 1 -8.53 19.97 -3.81
CA GLN A 1 -7.32 20.19 -4.61
C GLN A 1 -6.66 21.54 -4.33
N ILE A 2 -5.95 21.62 -3.21
CA ILE A 2 -5.31 22.85 -2.77
C ILE A 2 -3.97 23.05 -3.45
N ILE A 3 -3.67 24.30 -3.83
CA ILE A 3 -2.32 24.65 -4.24
C ILE A 3 -1.55 25.28 -3.08
N GLY A 4 -0.33 24.80 -2.87
CA GLY A 4 0.54 25.33 -1.83
C GLY A 4 0.41 24.67 -0.49
N THR A 5 0.67 25.43 0.57
CA THR A 5 0.62 24.91 1.91
C THR A 5 -0.79 24.45 2.28
N VAL A 6 -0.85 23.29 2.92
CA VAL A 6 -2.10 22.71 3.38
C VAL A 6 -2.23 22.82 4.90
N PRO A 7 -3.37 23.34 5.37
CA PRO A 7 -3.68 23.56 6.78
C PRO A 7 -3.28 22.38 7.67
N GLY A 8 -2.50 22.67 8.72
CA GLY A 8 -2.14 21.67 9.70
C GLY A 8 -0.89 20.90 9.33
N VAL A 9 -0.57 20.87 8.04
CA VAL A 9 0.58 20.13 7.58
C VAL A 9 1.84 20.97 7.59
N GLU A 10 2.71 20.72 8.55
CA GLU A 10 3.93 21.49 8.70
C GLU A 10 5.13 20.79 8.06
N VAL A 11 6.12 21.57 7.67
CA VAL A 11 7.37 21.01 7.17
C VAL A 11 7.95 20.11 8.24
N GLY A 12 8.47 18.96 7.83
CA GLY A 12 9.05 18.01 8.77
C GLY A 12 8.06 16.96 9.25
N ASP A 13 6.76 17.23 9.08
CA ASP A 13 5.72 16.28 9.42
C ASP A 13 5.92 14.95 8.68
N GLU A 14 5.77 13.85 9.40
CA GLU A 14 6.03 12.52 8.86
C GLU A 14 4.77 11.68 8.70
N PHE A 15 4.87 10.66 7.84
CA PHE A 15 3.74 9.78 7.54
C PHE A 15 4.21 8.37 7.20
N GLN A 16 3.41 7.39 7.61
CA GLN A 16 3.77 5.98 7.45
C GLN A 16 3.43 5.45 6.07
N TYR A 17 2.31 5.93 5.50
CA TYR A 17 1.90 5.43 4.19
C TYR A 17 1.14 6.44 3.31
N ARG A 18 1.15 6.19 2.01
CA ARG A 18 0.63 7.12 0.99
C ARG A 18 -0.82 7.58 1.15
N MET A 19 -1.70 6.72 1.64
CA MET A 19 -3.11 7.09 1.80
C MET A 19 -3.31 8.14 2.90
N GLU A 20 -2.38 8.20 3.85
CA GLU A 20 -2.39 9.26 4.85
C GLU A 20 -2.24 10.61 4.18
N LEU A 21 -1.41 10.66 3.14
CA LEU A 21 -1.19 11.88 2.38
C LEU A 21 -2.48 12.28 1.69
N ASN A 22 -3.17 11.28 1.16
CA ASN A 22 -4.44 11.49 0.51
C ASN A 22 -5.45 12.05 1.49
N LEU A 23 -5.51 11.44 2.67
CA LEU A 23 -6.45 11.87 3.71
C LEU A 23 -6.27 13.35 4.06
N LEU A 24 -5.02 13.73 4.33
CA LEU A 24 -4.72 15.11 4.70
C LEU A 24 -4.80 16.10 3.54
N GLY A 25 -4.89 15.61 2.31
CA GLY A 25 -5.01 16.47 1.15
C GLY A 25 -3.67 16.90 0.62
N ILE A 26 -2.63 16.24 1.13
CA ILE A 26 -1.26 16.51 0.75
C ILE A 26 -0.97 16.05 -0.68
N HIS A 27 -1.26 14.78 -0.93
CA HIS A 27 -1.01 14.15 -2.23
C HIS A 27 -2.11 13.13 -2.49
N ARG A 28 -2.85 13.30 -3.58
CA ARG A 28 -4.02 12.48 -3.82
C ARG A 28 -3.73 11.06 -4.35
N PRO A 29 -2.90 10.95 -5.39
CA PRO A 29 -2.69 9.63 -6.01
C PRO A 29 -2.26 8.56 -5.02
N SER A 30 -2.77 7.35 -5.23
CA SER A 30 -2.44 6.21 -4.40
C SER A 30 -1.05 5.69 -4.72
N GLN A 31 -0.63 5.89 -5.97
CA GLN A 31 0.54 5.24 -6.51
C GLN A 31 1.40 6.22 -7.31
N SER A 32 0.75 6.97 -8.19
CA SER A 32 1.43 7.93 -9.06
C SER A 32 2.27 8.94 -8.28
N GLY A 33 3.44 9.26 -8.82
CA GLY A 33 4.34 10.20 -8.19
C GLY A 33 3.90 11.64 -8.32
N ILE A 34 3.12 11.94 -9.35
CA ILE A 34 2.72 13.30 -9.63
C ILE A 34 1.22 13.51 -9.44
N ASP A 35 0.85 14.57 -8.73
CA ASP A 35 -0.55 14.98 -8.61
C ASP A 35 -0.78 16.34 -9.26
N TYR A 36 -1.87 16.48 -10.00
CA TYR A 36 -2.15 17.70 -10.73
C TYR A 36 -3.63 18.05 -10.77
N MET A 37 -3.96 19.17 -11.41
CA MET A 37 -5.34 19.63 -11.62
C MET A 37 -5.38 20.58 -12.81
N LYS A 38 -6.56 21.08 -13.17
CA LYS A 38 -6.66 22.10 -14.21
C LYS A 38 -6.73 23.48 -13.58
N ASP A 39 -6.21 24.48 -14.27
CA ASP A 39 -6.20 25.85 -13.76
C ASP A 39 -7.41 26.64 -14.25
N ASP A 40 -7.48 27.92 -13.89
CA ASP A 40 -8.60 28.77 -14.31
C ASP A 40 -8.87 28.65 -15.82
N GLY A 41 -7.84 28.29 -16.57
CA GLY A 41 -7.92 28.23 -18.02
C GLY A 41 -7.89 26.82 -18.57
N GLY A 42 -8.00 25.83 -17.70
CA GLY A 42 -8.10 24.45 -18.11
C GLY A 42 -6.81 23.78 -18.53
N GLU A 43 -5.69 24.48 -18.37
CA GLU A 43 -4.38 23.87 -18.60
C GLU A 43 -3.93 23.12 -17.35
N LEU A 44 -3.22 22.02 -17.54
CA LEU A 44 -2.77 21.19 -16.41
C LEU A 44 -1.68 21.85 -15.59
N VAL A 45 -1.78 21.72 -14.26
CA VAL A 45 -0.72 22.19 -13.38
C VAL A 45 -0.46 21.19 -12.26
N ALA A 46 0.78 21.18 -11.77
CA ALA A 46 1.19 20.23 -10.75
C ALA A 46 0.98 20.78 -9.34
N THR A 47 0.57 19.92 -8.43
CA THR A 47 0.29 20.33 -7.05
C THR A 47 1.23 19.68 -6.05
N SER A 48 1.75 18.51 -6.38
CA SER A 48 2.65 17.80 -5.46
C SER A 48 3.34 16.62 -6.12
N ILE A 49 4.50 16.26 -5.61
CA ILE A 49 5.22 15.12 -6.12
C ILE A 49 5.80 14.30 -4.98
N VAL A 50 6.02 13.02 -5.25
CA VAL A 50 6.64 12.11 -4.30
C VAL A 50 7.92 11.54 -4.89
N SER A 51 9.00 11.63 -4.13
CA SER A 51 10.26 11.03 -4.52
C SER A 51 10.62 9.96 -3.49
N SER A 52 10.40 8.70 -3.85
CA SER A 52 10.56 7.62 -2.89
C SER A 52 11.50 6.52 -3.36
N GLY A 53 12.14 6.74 -4.50
CA GLY A 53 13.09 5.78 -5.01
C GLY A 53 12.61 5.02 -6.24
N GLY A 54 11.36 5.28 -6.61
CA GLY A 54 10.78 4.67 -7.80
C GLY A 54 11.55 4.89 -9.08
N TYR A 55 12.36 5.94 -9.12
CA TYR A 55 13.19 6.25 -10.28
C TYR A 55 14.57 6.73 -9.81
N ASN A 56 15.33 7.30 -10.73
CA ASN A 56 16.66 7.82 -10.39
C ASN A 56 16.64 9.32 -10.15
N ASP A 57 15.98 9.74 -9.09
CA ASP A 57 15.91 11.15 -8.76
C ASP A 57 17.17 11.60 -8.03
N VAL A 58 17.55 12.86 -8.22
CA VAL A 58 18.72 13.41 -7.57
C VAL A 58 18.32 14.21 -6.32
N LEU A 59 18.51 13.58 -5.15
CA LEU A 59 18.10 14.14 -3.87
C LEU A 59 19.25 14.34 -2.90
N ASP A 60 20.18 15.21 -3.26
CA ASP A 60 21.24 15.61 -2.36
C ASP A 60 20.67 16.37 -1.17
N ASN A 61 21.53 17.06 -0.44
CA ASN A 61 21.06 17.91 0.64
C ASN A 61 21.15 19.37 0.24
N SER A 62 20.49 19.73 -0.85
CA SER A 62 20.50 21.10 -1.32
C SER A 62 19.08 21.58 -1.61
N ASP A 63 18.96 22.81 -2.10
CA ASP A 63 17.66 23.38 -2.36
C ASP A 63 17.16 22.96 -3.73
N VAL A 64 17.97 22.18 -4.43
CA VAL A 64 17.63 21.74 -5.79
C VAL A 64 17.37 20.24 -5.87
N LEU A 65 16.35 19.88 -6.63
CA LEU A 65 15.93 18.51 -6.77
C LEU A 65 15.77 18.19 -8.26
N ILE A 66 16.37 17.10 -8.72
CA ILE A 66 16.08 16.63 -10.06
C ILE A 66 15.09 15.47 -10.01
N TYR A 67 13.91 15.71 -10.56
CA TYR A 67 12.84 14.74 -10.50
C TYR A 67 12.64 14.16 -11.88
N THR A 68 12.61 12.85 -11.94
CA THR A 68 12.39 12.16 -13.21
C THR A 68 10.90 12.12 -13.55
N GLY A 69 10.59 12.27 -14.83
CA GLY A 69 9.22 12.13 -15.30
C GLY A 69 8.68 10.74 -15.10
N GLN A 70 7.38 10.55 -15.30
CA GLN A 70 6.77 9.25 -15.10
C GLN A 70 6.60 8.53 -16.44
N GLY A 71 6.51 7.20 -16.39
CA GLY A 71 6.24 6.38 -17.55
C GLY A 71 7.46 5.78 -18.24
N GLY A 72 7.22 5.15 -19.39
CA GLY A 72 8.26 4.57 -20.20
C GLY A 72 8.83 3.27 -19.67
N ASN A 73 8.15 2.67 -18.70
CA ASN A 73 8.65 1.46 -18.05
C ASN A 73 10.06 1.69 -17.51
N VAL A 74 10.16 2.47 -16.44
CA VAL A 74 11.46 2.88 -15.92
C VAL A 74 11.65 2.55 -14.43
N GLY A 75 10.56 2.41 -13.70
CA GLY A 75 10.63 2.00 -12.31
C GLY A 75 11.42 0.72 -12.10
N GLU A 81 7.28 -4.97 -19.43
CA GLU A 81 8.36 -4.04 -19.10
C GLU A 81 9.35 -3.77 -20.23
N PRO A 82 8.86 -3.52 -21.46
CA PRO A 82 9.70 -3.12 -22.59
C PRO A 82 9.80 -1.61 -22.72
N PRO A 83 11.01 -1.06 -22.58
CA PRO A 83 11.28 0.38 -22.49
C PRO A 83 10.69 1.20 -23.64
N LYS A 84 10.14 2.37 -23.32
CA LYS A 84 9.65 3.29 -24.35
C LYS A 84 9.71 4.76 -23.91
N ASP A 85 9.67 5.66 -24.89
CA ASP A 85 9.74 7.09 -24.62
C ASP A 85 8.71 7.54 -23.59
N GLN A 86 9.18 8.28 -22.59
CA GLN A 86 8.25 8.95 -21.69
C GLN A 86 7.49 9.99 -22.52
N GLN A 87 6.34 10.42 -22.03
CA GLN A 87 5.47 11.26 -22.85
C GLN A 87 4.98 12.51 -22.11
N LEU A 88 4.92 13.63 -22.83
CA LEU A 88 4.57 14.90 -22.22
C LEU A 88 3.06 15.06 -22.05
N VAL A 89 2.48 14.25 -21.17
CA VAL A 89 1.06 14.30 -20.87
C VAL A 89 0.91 14.12 -19.37
N THR A 90 -0.31 14.30 -18.87
CA THR A 90 -0.58 14.01 -17.47
C THR A 90 0.37 14.78 -16.55
N GLY A 91 0.96 14.07 -15.59
CA GLY A 91 1.88 14.64 -14.63
C GLY A 91 3.05 15.34 -15.29
N ASN A 92 3.71 14.65 -16.20
CA ASN A 92 4.83 15.25 -16.91
C ASN A 92 4.43 16.62 -17.47
N LEU A 93 3.31 16.63 -18.18
CA LEU A 93 2.78 17.87 -18.74
C LEU A 93 2.50 18.89 -17.64
N ALA A 94 1.79 18.44 -16.59
CA ALA A 94 1.46 19.30 -15.48
C ALA A 94 2.72 19.99 -14.97
N LEU A 95 3.75 19.21 -14.70
CA LEU A 95 5.04 19.74 -14.24
C LEU A 95 5.66 20.72 -15.20
N LYS A 96 5.64 20.41 -16.50
CA LYS A 96 6.14 21.35 -17.49
C LYS A 96 5.40 22.69 -17.42
N ASN A 97 4.07 22.64 -17.41
CA ASN A 97 3.27 23.85 -17.36
C ASN A 97 3.52 24.66 -16.09
N SER A 98 3.85 23.96 -15.01
CA SER A 98 4.12 24.61 -13.74
C SER A 98 5.37 25.49 -13.73
N ILE A 99 6.20 25.37 -14.77
CA ILE A 99 7.36 26.24 -14.91
C ILE A 99 6.91 27.67 -15.21
N ASN A 100 6.10 27.83 -16.26
CA ASN A 100 5.50 29.12 -16.60
C ASN A 100 4.54 29.68 -15.54
N LYS A 101 3.71 28.81 -14.97
CA LYS A 101 2.74 29.21 -13.97
C LYS A 101 3.39 29.63 -12.65
N LYS A 102 4.62 29.20 -12.44
CA LYS A 102 5.39 29.55 -11.25
C LYS A 102 4.66 29.25 -9.93
N ASN A 103 3.80 28.24 -9.93
CA ASN A 103 3.08 27.88 -8.72
C ASN A 103 3.89 26.97 -7.82
N PRO A 104 3.64 27.03 -6.51
CA PRO A 104 4.31 26.12 -5.58
C PRO A 104 3.88 24.67 -5.78
N VAL A 105 4.79 23.76 -5.48
CA VAL A 105 4.50 22.35 -5.58
C VAL A 105 4.94 21.70 -4.29
N ARG A 106 4.04 20.98 -3.64
CA ARG A 106 4.41 20.25 -2.45
C ARG A 106 5.37 19.14 -2.84
N VAL A 107 6.38 18.91 -2.01
CA VAL A 107 7.33 17.84 -2.26
C VAL A 107 7.35 16.91 -1.06
N ILE A 108 7.04 15.64 -1.31
CA ILE A 108 7.09 14.62 -0.28
C ILE A 108 8.19 13.64 -0.59
N ARG A 109 9.11 13.47 0.34
CA ARG A 109 10.25 12.58 0.14
C ARG A 109 10.07 11.29 0.92
N GLY A 110 10.48 10.18 0.32
CA GLY A 110 10.41 8.88 0.97
C GLY A 110 11.65 8.60 1.80
N ILE A 111 11.49 7.75 2.82
CA ILE A 111 12.59 7.45 3.73
C ILE A 111 12.60 5.97 4.14
N LYS A 123 7.25 5.14 9.65
CA LYS A 123 7.46 6.47 9.08
C LYS A 123 8.29 6.41 7.79
N ASN A 124 7.61 6.50 6.65
CA ASN A 124 8.25 6.32 5.35
C ASN A 124 8.26 7.57 4.49
N TYR A 125 7.53 8.60 4.90
CA TYR A 125 7.46 9.83 4.12
C TYR A 125 7.56 11.08 4.98
N VAL A 126 8.27 12.09 4.49
CA VAL A 126 8.31 13.41 5.15
C VAL A 126 7.85 14.50 4.20
N TYR A 127 7.13 15.48 4.73
CA TYR A 127 6.81 16.66 3.95
C TYR A 127 8.03 17.56 3.91
N ASP A 128 8.47 17.89 2.71
CA ASP A 128 9.72 18.61 2.52
C ASP A 128 9.51 20.11 2.31
N GLY A 129 8.27 20.52 2.08
CA GLY A 129 7.97 21.92 1.84
C GLY A 129 7.58 22.23 0.42
N LEU A 130 7.74 23.49 0.03
CA LEU A 130 7.34 23.93 -1.30
C LEU A 130 8.52 24.17 -2.21
N TYR A 131 8.31 23.88 -3.49
CA TYR A 131 9.33 24.03 -4.51
C TYR A 131 8.72 24.69 -5.73
N LEU A 132 9.54 25.36 -6.54
CA LEU A 132 9.12 25.78 -7.86
C LEU A 132 9.80 24.89 -8.90
N VAL A 133 9.11 24.64 -10.01
CA VAL A 133 9.74 23.97 -11.13
C VAL A 133 10.43 25.02 -11.97
N GLU A 134 11.75 24.89 -12.12
CA GLU A 134 12.54 25.89 -12.83
C GLU A 134 12.73 25.55 -14.31
N GLU A 135 12.80 24.26 -14.62
CA GLU A 135 12.96 23.83 -16.01
C GLU A 135 12.87 22.32 -16.15
N TYR A 136 12.88 21.87 -17.40
CA TYR A 136 12.90 20.44 -17.69
C TYR A 136 13.72 20.18 -18.95
N TRP A 137 14.13 18.94 -19.14
CA TRP A 137 14.81 18.55 -20.37
C TRP A 137 14.63 17.08 -20.62
N GLU A 138 14.95 16.65 -21.84
CA GLU A 138 14.92 15.25 -22.19
C GLU A 138 16.31 14.63 -22.09
N GLU A 139 16.36 13.40 -21.62
CA GLU A 139 17.59 12.62 -21.63
C GLU A 139 17.32 11.36 -22.44
N THR A 140 18.38 10.78 -22.99
CA THR A 140 18.26 9.50 -23.68
C THR A 140 19.01 8.44 -22.89
N GLY A 141 18.26 7.51 -22.31
CA GLY A 141 18.84 6.45 -21.53
C GLY A 141 19.56 5.39 -22.36
N SER A 142 20.13 4.41 -21.66
CA SER A 142 20.86 3.32 -22.31
C SER A 142 19.96 2.58 -23.31
N HIS A 143 18.76 2.25 -22.88
CA HIS A 143 17.76 1.57 -23.71
C HIS A 143 17.53 2.29 -25.03
N GLY A 144 17.78 3.59 -25.06
CA GLY A 144 17.65 4.37 -26.28
C GLY A 144 16.39 5.21 -26.26
N LYS A 145 15.64 5.13 -25.17
CA LYS A 145 14.36 5.82 -25.06
C LYS A 145 14.42 7.10 -24.24
N LEU A 146 13.46 7.98 -24.48
CA LEU A 146 13.42 9.31 -23.90
C LEU A 146 13.01 9.29 -22.43
N VAL A 147 13.61 10.17 -21.64
CA VAL A 147 13.20 10.39 -20.26
C VAL A 147 13.17 11.87 -19.97
N PHE A 148 12.21 12.33 -19.17
CA PHE A 148 12.16 13.72 -18.76
C PHE A 148 12.83 13.92 -17.40
N LYS A 149 13.44 15.09 -17.23
CA LYS A 149 13.99 15.48 -15.95
C LYS A 149 13.50 16.87 -15.61
N PHE A 150 13.06 17.06 -14.37
CA PHE A 150 12.57 18.35 -13.91
C PHE A 150 13.41 18.90 -12.78
N LYS A 151 13.86 20.13 -12.94
CA LYS A 151 14.63 20.81 -11.92
C LYS A 151 13.69 21.61 -11.02
N LEU A 152 13.62 21.20 -9.76
CA LEU A 152 12.84 21.93 -8.80
C LEU A 152 13.75 22.56 -7.76
N ARG A 153 13.46 23.80 -7.41
CA ARG A 153 14.22 24.46 -6.37
C ARG A 153 13.28 24.76 -5.22
N ARG A 154 13.77 24.53 -4.01
CA ARG A 154 12.99 24.81 -2.82
C ARG A 154 12.83 26.31 -2.64
N ILE A 155 11.59 26.75 -2.46
CA ILE A 155 11.31 28.14 -2.20
C ILE A 155 12.00 28.60 -0.92
N PRO A 156 12.69 29.74 -0.99
CA PRO A 156 13.50 30.24 0.14
C PRO A 156 12.65 30.69 1.32
N GLY A 157 13.22 30.64 2.51
CA GLY A 157 12.57 31.18 3.68
C GLY A 157 11.83 30.16 4.53
N GLN A 158 11.75 28.93 4.04
CA GLN A 158 11.06 27.89 4.79
C GLN A 158 11.98 27.26 5.84
N PRO A 159 11.38 26.64 6.86
CA PRO A 159 12.16 25.85 7.83
C PRO A 159 13.03 24.86 7.10
N GLU A 160 13.95 24.21 7.80
CA GLU A 160 14.80 23.23 7.15
C GLU A 160 14.50 21.81 7.63
N LEU A 161 14.66 20.85 6.73
CA LEU A 161 14.60 19.44 7.07
C LEU A 161 15.96 18.94 7.52
N PRO A 162 16.01 18.25 8.67
CA PRO A 162 17.25 17.58 9.07
C PRO A 162 17.60 16.44 8.11
N TRP A 163 18.90 16.18 7.92
CA TRP A 163 19.33 15.09 7.03
C TRP A 163 20.83 14.81 7.19
N GLN B 1 4.29 -9.14 16.97
CA GLN B 1 3.60 -10.33 16.48
C GLN B 1 2.79 -11.05 17.57
N ILE B 2 1.63 -10.49 17.88
CA ILE B 2 0.76 -11.02 18.93
C ILE B 2 -0.09 -12.17 18.43
N ILE B 3 -0.25 -13.18 19.28
CA ILE B 3 -1.24 -14.22 19.01
C ILE B 3 -2.51 -13.96 19.80
N GLY B 4 -3.65 -14.02 19.11
CA GLY B 4 -4.92 -13.85 19.79
C GLY B 4 -5.41 -12.41 19.80
N THR B 5 -6.21 -12.09 20.81
CA THR B 5 -6.80 -10.75 20.92
C THR B 5 -5.72 -9.68 21.08
N VAL B 6 -5.91 -8.58 20.37
CA VAL B 6 -4.99 -7.45 20.41
C VAL B 6 -5.63 -6.28 21.14
N PRO B 7 -4.91 -5.74 22.14
CA PRO B 7 -5.34 -4.63 23.00
C PRO B 7 -6.04 -3.51 22.24
N GLY B 8 -7.24 -3.15 22.71
CA GLY B 8 -7.98 -2.04 22.13
C GLY B 8 -8.84 -2.43 20.95
N VAL B 9 -8.47 -3.53 20.29
CA VAL B 9 -9.20 -3.98 19.11
C VAL B 9 -10.37 -4.88 19.48
N GLU B 10 -11.58 -4.33 19.40
CA GLU B 10 -12.78 -5.08 19.76
C GLU B 10 -13.45 -5.69 18.53
N VAL B 11 -14.17 -6.79 18.76
CA VAL B 11 -14.98 -7.38 17.72
C VAL B 11 -15.94 -6.33 17.19
N GLY B 12 -16.12 -6.27 15.88
CA GLY B 12 -17.03 -5.30 15.30
C GLY B 12 -16.33 -4.02 14.86
N ASP B 13 -15.12 -3.80 15.40
CA ASP B 13 -14.32 -2.65 15.03
C ASP B 13 -14.04 -2.62 13.53
N GLU B 14 -14.21 -1.45 12.91
CA GLU B 14 -14.07 -1.32 11.46
C GLU B 14 -12.82 -0.54 11.04
N PHE B 15 -12.43 -0.71 9.77
CA PHE B 15 -11.25 -0.07 9.22
C PHE B 15 -11.39 0.15 7.73
N GLN B 16 -10.72 1.17 7.21
CA GLN B 16 -10.82 1.53 5.81
C GLN B 16 -9.72 0.91 4.93
N TYR B 17 -8.52 0.72 5.51
CA TYR B 17 -7.36 0.30 4.74
C TYR B 17 -6.56 -0.80 5.41
N ARG B 18 -6.03 -1.70 4.59
CA ARG B 18 -5.16 -2.79 5.01
C ARG B 18 -4.05 -2.31 5.94
N MET B 19 -3.60 -1.10 5.71
CA MET B 19 -2.49 -0.56 6.49
C MET B 19 -2.91 -0.15 7.91
N GLU B 20 -4.17 0.21 8.09
CA GLU B 20 -4.69 0.47 9.44
C GLU B 20 -4.55 -0.79 10.29
N LEU B 21 -4.79 -1.95 9.67
CA LEU B 21 -4.65 -3.23 10.36
C LEU B 21 -3.21 -3.45 10.75
N ASN B 22 -2.31 -3.10 9.84
CA ASN B 22 -0.88 -3.18 10.11
C ASN B 22 -0.50 -2.28 11.29
N LEU B 23 -0.97 -1.05 11.25
CA LEU B 23 -0.66 -0.09 12.31
C LEU B 23 -1.06 -0.62 13.68
N LEU B 24 -2.28 -1.12 13.79
CA LEU B 24 -2.78 -1.62 15.06
C LEU B 24 -2.20 -2.97 15.47
N GLY B 25 -1.49 -3.63 14.55
CA GLY B 25 -0.86 -4.91 14.84
C GLY B 25 -1.82 -6.08 14.62
N ILE B 26 -2.96 -5.76 14.02
CA ILE B 26 -4.00 -6.73 13.72
C ILE B 26 -3.54 -7.73 12.66
N HIS B 27 -3.11 -7.18 11.52
CA HIS B 27 -2.70 -7.99 10.39
C HIS B 27 -1.58 -7.24 9.66
N ARG B 28 -0.41 -7.87 9.57
CA ARG B 28 0.78 -7.17 9.05
C ARG B 28 0.83 -7.01 7.52
N PRO B 29 0.60 -8.10 6.77
CA PRO B 29 0.78 -7.99 5.32
C PRO B 29 -0.05 -6.88 4.68
N SER B 30 0.54 -6.26 3.67
CA SER B 30 -0.10 -5.18 2.95
C SER B 30 -1.15 -5.74 2.00
N GLN B 31 -0.90 -6.97 1.54
CA GLN B 31 -1.65 -7.54 0.43
C GLN B 31 -2.06 -9.00 0.71
N SER B 32 -1.10 -9.77 1.20
CA SER B 32 -1.32 -11.19 1.47
C SER B 32 -2.47 -11.41 2.44
N GLY B 33 -3.26 -12.45 2.18
CA GLY B 33 -4.40 -12.78 3.02
C GLY B 33 -4.00 -13.42 4.34
N ILE B 34 -2.82 -14.03 4.37
CA ILE B 34 -2.39 -14.76 5.56
C ILE B 34 -1.17 -14.15 6.22
N ASP B 35 -1.24 -13.96 7.53
CA ASP B 35 -0.09 -13.51 8.31
C ASP B 35 0.37 -14.58 9.28
N TYR B 36 1.68 -14.79 9.36
CA TYR B 36 2.23 -15.83 10.23
C TYR B 36 3.55 -15.44 10.91
N MET B 37 4.08 -16.36 11.71
CA MET B 37 5.37 -16.20 12.39
C MET B 37 5.96 -17.55 12.74
N LYS B 38 7.11 -17.54 13.42
CA LYS B 38 7.72 -18.78 13.90
C LYS B 38 7.29 -19.00 15.36
N ASP B 39 7.26 -20.27 15.77
CA ASP B 39 6.91 -20.59 17.15
C ASP B 39 8.16 -20.89 17.96
N ASP B 40 7.94 -21.27 19.22
CA ASP B 40 9.02 -21.61 20.14
C ASP B 40 9.68 -22.93 19.75
N GLY B 41 9.64 -23.23 18.46
CA GLY B 41 10.36 -24.35 17.89
C GLY B 41 10.66 -24.09 16.43
N GLY B 42 10.38 -22.87 15.96
CA GLY B 42 10.72 -22.45 14.62
C GLY B 42 9.81 -22.98 13.51
N GLU B 43 8.73 -23.64 13.89
CA GLU B 43 7.72 -24.06 12.92
C GLU B 43 6.76 -22.92 12.66
N LEU B 44 6.28 -22.78 11.43
CA LEU B 44 5.38 -21.68 11.07
C LEU B 44 4.00 -21.82 11.69
N VAL B 45 3.45 -20.70 12.15
CA VAL B 45 2.07 -20.67 12.65
C VAL B 45 1.36 -19.42 12.17
N ALA B 46 0.04 -19.53 12.03
CA ALA B 46 -0.79 -18.44 11.53
C ALA B 46 -1.31 -17.54 12.65
N THR B 47 -1.36 -16.24 12.39
CA THR B 47 -1.79 -15.27 13.41
C THR B 47 -3.08 -14.55 13.02
N SER B 48 -3.32 -14.45 11.72
CA SER B 48 -4.50 -13.75 11.24
C SER B 48 -4.73 -13.96 9.75
N ILE B 49 -5.99 -13.85 9.33
CA ILE B 49 -6.34 -13.97 7.93
C ILE B 49 -7.38 -12.93 7.52
N VAL B 50 -7.37 -12.58 6.24
CA VAL B 50 -8.33 -11.64 5.68
C VAL B 50 -9.16 -12.32 4.61
N SER B 51 -10.47 -12.18 4.71
CA SER B 51 -11.37 -12.72 3.71
C SER B 51 -12.15 -11.56 3.11
N SER B 52 -11.72 -11.12 1.94
CA SER B 52 -12.28 -9.91 1.35
C SER B 52 -12.84 -10.11 -0.04
N GLY B 53 -12.89 -11.36 -0.50
CA GLY B 53 -13.43 -11.66 -1.81
C GLY B 53 -12.38 -12.04 -2.84
N GLY B 54 -11.11 -12.01 -2.42
CA GLY B 54 -10.01 -12.35 -3.31
C GLY B 54 -10.07 -13.75 -3.87
N TYR B 55 -10.80 -14.62 -3.18
CA TYR B 55 -11.00 -16.00 -3.63
C TYR B 55 -12.45 -16.42 -3.39
N ASN B 56 -12.72 -17.72 -3.48
CA ASN B 56 -14.04 -18.24 -3.23
C ASN B 56 -14.22 -18.80 -1.82
N ASP B 57 -14.13 -17.92 -0.83
CA ASP B 57 -14.29 -18.32 0.56
C ASP B 57 -15.76 -18.49 0.92
N VAL B 58 -16.04 -19.40 1.84
CA VAL B 58 -17.41 -19.64 2.27
C VAL B 58 -17.69 -18.91 3.58
N LEU B 59 -18.40 -17.78 3.47
CA LEU B 59 -18.66 -16.89 4.61
C LEU B 59 -20.15 -16.71 4.86
N ASP B 60 -20.81 -17.78 5.25
CA ASP B 60 -22.20 -17.72 5.68
C ASP B 60 -22.27 -16.96 7.00
N ASN B 61 -23.42 -17.06 7.68
CA ASN B 61 -23.57 -16.45 8.98
C ASN B 61 -23.53 -17.52 10.06
N SER B 62 -22.43 -18.27 10.10
CA SER B 62 -22.28 -19.31 11.10
C SER B 62 -20.92 -19.21 11.76
N ASP B 63 -20.63 -20.13 12.68
CA ASP B 63 -19.37 -20.11 13.38
C ASP B 63 -18.26 -20.77 12.58
N VAL B 64 -18.60 -21.23 11.38
CA VAL B 64 -17.63 -21.93 10.54
C VAL B 64 -17.32 -21.16 9.26
N LEU B 65 -16.04 -21.19 8.90
CA LEU B 65 -15.56 -20.43 7.76
C LEU B 65 -14.71 -21.36 6.93
N ILE B 66 -14.96 -21.41 5.63
CA ILE B 66 -14.04 -22.10 4.73
C ILE B 66 -13.16 -21.09 4.00
N TYR B 67 -11.87 -21.16 4.30
CA TYR B 67 -10.90 -20.22 3.76
C TYR B 67 -10.02 -20.91 2.74
N THR B 68 -9.96 -20.34 1.55
CA THR B 68 -9.11 -20.84 0.49
C THR B 68 -7.64 -20.48 0.72
N GLY B 69 -6.74 -21.42 0.40
CA GLY B 69 -5.32 -21.16 0.49
C GLY B 69 -4.89 -20.13 -0.53
N GLN B 70 -3.64 -19.67 -0.42
CA GLN B 70 -3.15 -18.64 -1.33
C GLN B 70 -2.33 -19.25 -2.46
N GLY B 71 -2.27 -18.54 -3.58
CA GLY B 71 -1.41 -18.93 -4.68
C GLY B 71 -2.12 -19.61 -5.82
N GLY B 72 -1.33 -20.09 -6.79
CA GLY B 72 -1.83 -20.86 -7.91
C GLY B 72 -2.53 -20.05 -8.97
N ASN B 73 -2.39 -18.72 -8.90
CA ASN B 73 -3.10 -17.83 -9.82
C ASN B 73 -4.60 -18.10 -9.78
N VAL B 74 -5.24 -17.69 -8.68
CA VAL B 74 -6.65 -18.01 -8.44
C VAL B 74 -7.48 -16.77 -8.13
N PRO B 82 -1.47 -18.11 -15.62
CA PRO B 82 -1.66 -19.52 -15.98
C PRO B 82 -1.74 -20.40 -14.74
N PRO B 83 -2.90 -21.06 -14.53
CA PRO B 83 -3.23 -21.79 -13.30
C PRO B 83 -2.19 -22.85 -12.91
N LYS B 84 -1.92 -22.96 -11.61
CA LYS B 84 -1.04 -24.02 -11.11
C LYS B 84 -1.35 -24.42 -9.68
N ASP B 85 -0.86 -25.58 -9.27
CA ASP B 85 -1.11 -26.11 -7.93
C ASP B 85 -0.72 -25.12 -6.84
N GLN B 86 -1.64 -24.86 -5.91
CA GLN B 86 -1.27 -24.15 -4.71
C GLN B 86 -0.24 -25.00 -3.96
N GLN B 87 0.49 -24.40 -3.04
CA GLN B 87 1.61 -25.09 -2.44
C GLN B 87 1.65 -24.93 -0.92
N LEU B 88 2.03 -26.00 -0.24
CA LEU B 88 1.97 -26.02 1.22
C LEU B 88 3.20 -25.37 1.84
N VAL B 89 3.32 -24.06 1.63
CA VAL B 89 4.41 -23.28 2.18
C VAL B 89 3.83 -21.97 2.70
N THR B 90 4.65 -21.19 3.40
CA THR B 90 4.25 -19.85 3.81
C THR B 90 2.93 -19.90 4.59
N GLY B 91 1.98 -19.08 4.19
CA GLY B 91 0.70 -18.96 4.86
C GLY B 91 -0.04 -20.27 4.90
N ASN B 92 -0.17 -20.90 3.74
CA ASN B 92 -0.82 -22.20 3.66
C ASN B 92 -0.25 -23.14 4.73
N LEU B 93 1.07 -23.26 4.74
CA LEU B 93 1.75 -24.08 5.72
C LEU B 93 1.42 -23.62 7.15
N ALA B 94 1.56 -22.32 7.38
CA ALA B 94 1.28 -21.73 8.68
C ALA B 94 -0.08 -22.17 9.16
N LEU B 95 -1.09 -22.00 8.32
CA LEU B 95 -2.45 -22.42 8.62
C LEU B 95 -2.55 -23.91 8.93
N LYS B 96 -1.91 -24.74 8.12
CA LYS B 96 -1.92 -26.18 8.38
C LYS B 96 -1.38 -26.48 9.78
N ASN B 97 -0.22 -25.92 10.09
CA ASN B 97 0.42 -26.16 11.37
C ASN B 97 -0.45 -25.69 12.52
N SER B 98 -1.25 -24.66 12.27
CA SER B 98 -2.10 -24.08 13.31
C SER B 98 -3.23 -25.02 13.74
N ILE B 99 -3.44 -26.09 12.99
CA ILE B 99 -4.43 -27.09 13.39
C ILE B 99 -3.95 -27.84 14.62
N ASN B 100 -2.74 -28.40 14.54
CA ASN B 100 -2.10 -29.06 15.68
C ASN B 100 -1.82 -28.12 16.86
N LYS B 101 -1.31 -26.93 16.56
CA LYS B 101 -0.95 -25.96 17.60
C LYS B 101 -2.18 -25.39 18.31
N LYS B 102 -3.34 -25.54 17.71
CA LYS B 102 -4.60 -25.10 18.32
C LYS B 102 -4.58 -23.64 18.80
N ASN B 103 -3.78 -22.80 18.16
CA ASN B 103 -3.71 -21.39 18.54
C ASN B 103 -4.81 -20.58 17.89
N PRO B 104 -5.23 -19.50 18.56
CA PRO B 104 -6.25 -18.62 17.97
C PRO B 104 -5.70 -17.91 16.74
N VAL B 105 -6.62 -17.52 15.86
CA VAL B 105 -6.26 -16.80 14.65
C VAL B 105 -7.25 -15.67 14.51
N ARG B 106 -6.73 -14.46 14.37
CA ARG B 106 -7.58 -13.31 14.12
C ARG B 106 -8.19 -13.45 12.74
N VAL B 107 -9.46 -13.10 12.62
CA VAL B 107 -10.13 -13.15 11.35
C VAL B 107 -10.69 -11.78 11.01
N ILE B 108 -10.24 -11.23 9.90
CA ILE B 108 -10.74 -9.95 9.43
C ILE B 108 -11.53 -10.15 8.15
N ARG B 109 -12.79 -9.71 8.17
CA ARG B 109 -13.64 -9.88 7.01
C ARG B 109 -13.81 -8.57 6.25
N GLY B 110 -13.80 -8.64 4.92
CA GLY B 110 -14.03 -7.47 4.09
C GLY B 110 -15.50 -7.19 3.84
N ILE B 111 -15.84 -5.93 3.58
CA ILE B 111 -17.22 -5.52 3.40
C ILE B 111 -17.37 -4.47 2.29
N LYS B 123 -15.26 2.36 5.29
CA LYS B 123 -15.23 1.16 6.14
C LYS B 123 -15.34 -0.14 5.32
N ASN B 124 -14.21 -0.79 5.12
CA ASN B 124 -14.14 -1.96 4.25
C ASN B 124 -13.78 -3.26 4.99
N TYR B 125 -13.37 -3.16 6.25
CA TYR B 125 -12.97 -4.33 7.01
C TYR B 125 -13.52 -4.33 8.43
N VAL B 126 -13.98 -5.49 8.92
CA VAL B 126 -14.37 -5.63 10.32
C VAL B 126 -13.56 -6.72 10.99
N TYR B 127 -13.24 -6.50 12.27
CA TYR B 127 -12.61 -7.57 13.05
C TYR B 127 -13.70 -8.53 13.49
N ASP B 128 -13.52 -9.80 13.16
CA ASP B 128 -14.56 -10.81 13.37
C ASP B 128 -14.33 -11.63 14.66
N GLY B 129 -13.14 -11.52 15.23
CA GLY B 129 -12.85 -12.26 16.44
C GLY B 129 -11.83 -13.35 16.23
N LEU B 130 -11.83 -14.32 17.14
CA LEU B 130 -10.87 -15.41 17.06
C LEU B 130 -11.48 -16.71 16.55
N TYR B 131 -10.67 -17.49 15.85
CA TYR B 131 -11.07 -18.76 15.27
C TYR B 131 -9.97 -19.78 15.49
N LEU B 132 -10.33 -21.05 15.53
CA LEU B 132 -9.33 -22.11 15.44
C LEU B 132 -9.40 -22.75 14.06
N VAL B 133 -8.26 -23.22 13.58
CA VAL B 133 -8.24 -23.99 12.35
C VAL B 133 -8.47 -25.44 12.72
N GLU B 134 -9.57 -26.01 12.21
CA GLU B 134 -9.96 -27.37 12.56
C GLU B 134 -9.39 -28.42 11.62
N GLU B 135 -9.26 -28.06 10.34
CA GLU B 135 -8.72 -28.99 9.34
C GLU B 135 -8.52 -28.32 7.98
N TYR B 136 -7.91 -29.05 7.06
CA TYR B 136 -7.72 -28.58 5.70
C TYR B 136 -7.82 -29.77 4.74
N TRP B 137 -8.03 -29.47 3.48
CA TRP B 137 -8.03 -30.50 2.45
C TRP B 137 -7.69 -29.90 1.11
N GLU B 138 -7.39 -30.76 0.15
CA GLU B 138 -7.14 -30.33 -1.22
C GLU B 138 -8.39 -30.49 -2.06
N GLU B 139 -8.60 -29.55 -2.97
CA GLU B 139 -9.64 -29.65 -3.98
C GLU B 139 -8.97 -29.56 -5.35
N THR B 140 -9.61 -30.12 -6.36
CA THR B 140 -9.12 -29.97 -7.71
C THR B 140 -10.12 -29.15 -8.51
N GLY B 141 -9.70 -27.95 -8.90
CA GLY B 141 -10.55 -27.04 -9.64
C GLY B 141 -10.74 -27.45 -11.09
N SER B 142 -11.54 -26.66 -11.81
CA SER B 142 -11.82 -26.92 -13.21
C SER B 142 -10.54 -26.99 -14.05
N HIS B 143 -9.68 -25.99 -13.83
CA HIS B 143 -8.38 -25.91 -14.49
C HIS B 143 -7.58 -27.19 -14.36
N GLY B 144 -7.84 -27.96 -13.31
CA GLY B 144 -7.16 -29.21 -13.09
C GLY B 144 -6.10 -29.12 -12.02
N LYS B 145 -5.97 -27.94 -11.44
CA LYS B 145 -4.91 -27.70 -10.46
C LYS B 145 -5.41 -27.71 -9.01
N LEU B 146 -4.48 -27.95 -8.10
CA LEU B 146 -4.78 -28.12 -6.69
C LEU B 146 -5.10 -26.81 -5.98
N VAL B 147 -6.05 -26.87 -5.05
CA VAL B 147 -6.36 -25.75 -4.18
C VAL B 147 -6.53 -26.25 -2.75
N PHE B 148 -6.09 -25.46 -1.76
CA PHE B 148 -6.31 -25.81 -0.36
C PHE B 148 -7.55 -25.12 0.20
N LYS B 149 -8.20 -25.79 1.14
CA LYS B 149 -9.34 -25.23 1.83
C LYS B 149 -9.13 -25.47 3.31
N PHE B 150 -9.35 -24.43 4.11
CA PHE B 150 -9.18 -24.51 5.55
C PHE B 150 -10.49 -24.25 6.26
N LYS B 151 -10.83 -25.16 7.17
CA LYS B 151 -12.04 -25.01 7.96
C LYS B 151 -11.67 -24.34 9.27
N LEU B 152 -12.20 -23.14 9.47
CA LEU B 152 -12.00 -22.44 10.72
C LEU B 152 -13.32 -22.33 11.46
N ARG B 153 -13.27 -22.57 12.77
CA ARG B 153 -14.44 -22.38 13.60
C ARG B 153 -14.20 -21.25 14.59
N ARG B 154 -15.20 -20.40 14.74
CA ARG B 154 -15.11 -19.29 15.67
C ARG B 154 -15.11 -19.82 17.09
N ILE B 155 -14.12 -19.41 17.88
CA ILE B 155 -14.06 -19.80 19.28
C ILE B 155 -15.28 -19.30 20.05
N PRO B 156 -15.90 -20.19 20.83
CA PRO B 156 -17.17 -19.89 21.49
C PRO B 156 -17.00 -18.86 22.60
N GLY B 157 -18.09 -18.16 22.91
CA GLY B 157 -18.08 -17.24 24.03
C GLY B 157 -17.81 -15.79 23.70
N GLN B 158 -17.45 -15.51 22.44
CA GLN B 158 -17.17 -14.14 22.01
C GLN B 158 -18.45 -13.40 21.67
N PRO B 159 -18.39 -12.06 21.68
CA PRO B 159 -19.52 -11.25 21.22
C PRO B 159 -19.89 -11.67 19.81
N GLU B 160 -21.01 -11.18 19.29
CA GLU B 160 -21.41 -11.52 17.94
C GLU B 160 -21.31 -10.32 17.01
N LEU B 161 -20.97 -10.57 15.75
CA LEU B 161 -20.94 -9.50 14.75
C LEU B 161 -22.22 -9.51 13.91
N PRO B 162 -22.96 -8.39 13.93
CA PRO B 162 -24.23 -8.25 13.20
C PRO B 162 -24.08 -8.58 11.72
#